data_6F5Z
#
_entry.id   6F5Z
#
_cell.length_a   80.610
_cell.length_b   82.290
_cell.length_c   88.030
_cell.angle_alpha   90.000
_cell.angle_beta   90.000
_cell.angle_gamma   90.000
#
_symmetry.space_group_name_H-M   'P 21 21 21'
#
loop_
_entity.id
_entity.type
_entity.pdbx_description
1 polymer '24-sterol C-methyltransferase'
2 polymer 'UPF0434 family protein'
3 non-polymer S-ADENOSYL-L-HOMOCYSTEINE
4 non-polymer GLYCEROL
5 water water
#
loop_
_entity_poly.entity_id
_entity_poly.type
_entity_poly.pdbx_seq_one_letter_code
_entity_poly.pdbx_strand_id
1 'polypeptide(L)'
;MSVRDEFDAWAADGRDKGMEDRHWHTAKHALARMPVEEGDTVVDLGTGSGYALRALRDTKGIGRGFGLDGSPEMVQNARA
YTDTDDLSFLVGDFDDLPFDDDSVDHVWSMEAFYYAADPHHTLEEIARILKPGGTFYCAVNYYEENVHSHEWQEHISIDM
TRWSHAEYREAFRDAGLHVAEQDSIADLDIDIPAATEFPTDDWETREAMVERYRTFGTLLTVGVAPHHHHH
;
A,B
2 'polypeptide(L)' MKESLMDILCDPLDKSELELEVDERDGDEIIEGRLIGTVTGEVYPIEDGIPNLLPPDMRDD C,D
#
loop_
_chem_comp.id
_chem_comp.type
_chem_comp.name
_chem_comp.formula
GOL non-polymer GLYCEROL 'C3 H8 O3'
SAH non-polymer S-ADENOSYL-L-HOMOCYSTEINE 'C14 H20 N6 O5 S'
#
# COMPACT_ATOMS: atom_id res chain seq x y z
N SER A 2 6.56 18.88 33.27
CA SER A 2 5.39 18.16 32.74
C SER A 2 4.21 19.13 32.58
N VAL A 3 3.66 19.23 31.36
CA VAL A 3 2.55 20.17 31.09
C VAL A 3 1.37 19.38 30.53
N ARG A 4 0.19 19.59 31.10
CA ARG A 4 -1.00 18.90 30.60
C ARG A 4 -1.53 19.54 29.35
N ASP A 5 -2.17 18.73 28.51
CA ASP A 5 -2.82 19.26 27.32
C ASP A 5 -4.16 18.53 27.05
N GLU A 6 -4.80 18.87 25.91
CA GLU A 6 -6.09 18.29 25.58
C GLU A 6 -6.09 16.78 25.64
N PHE A 7 -5.01 16.15 25.14
CA PHE A 7 -5.00 14.67 25.12
C PHE A 7 -5.13 14.04 26.50
N ASP A 8 -4.53 14.71 27.52
CA ASP A 8 -4.64 14.25 28.92
C ASP A 8 -6.08 14.36 29.40
N ALA A 9 -6.77 15.45 29.01
CA ALA A 9 -8.19 15.59 29.34
C ALA A 9 -9.02 14.51 28.66
N TRP A 10 -8.71 14.19 27.37
CA TRP A 10 -9.52 13.19 26.64
C TRP A 10 -9.38 11.82 27.27
N ALA A 11 -8.18 11.53 27.80
CA ALA A 11 -7.96 10.24 28.44
C ALA A 11 -8.80 10.11 29.70
N ALA A 12 -9.06 11.21 30.38
CA ALA A 12 -9.85 11.18 31.64
C ALA A 12 -11.34 11.17 31.42
N ASP A 13 -11.82 11.70 30.29
CA ASP A 13 -13.25 11.82 30.11
C ASP A 13 -13.91 10.83 29.10
N GLY A 14 -13.18 9.81 28.67
CA GLY A 14 -13.73 8.78 27.77
C GLY A 14 -13.60 9.06 26.29
N ARG A 15 -12.95 10.15 25.94
CA ARG A 15 -12.79 10.49 24.53
C ARG A 15 -11.79 9.60 23.86
N ASP A 16 -10.95 8.86 24.63
CA ASP A 16 -10.06 7.86 24.04
C ASP A 16 -10.93 6.74 23.42
N LYS A 17 -11.98 6.29 24.14
CA LYS A 17 -12.89 5.25 23.66
C LYS A 17 -13.81 5.77 22.56
N GLY A 18 -14.21 7.04 22.66
CA GLY A 18 -15.01 7.64 21.59
C GLY A 18 -14.22 7.75 20.29
N MET A 19 -12.92 8.15 20.38
CA MET A 19 -12.06 8.19 19.19
C MET A 19 -11.91 6.78 18.63
N GLU A 20 -11.72 5.77 19.48
CA GLU A 20 -11.60 4.39 18.98
C GLU A 20 -12.83 3.99 18.13
N ASP A 21 -14.01 4.25 18.69
CA ASP A 21 -15.22 3.84 18.00
CA ASP A 21 -15.29 3.92 18.04
C ASP A 21 -15.39 4.52 16.65
N ARG A 22 -15.04 5.82 16.53
CA ARG A 22 -15.15 6.50 15.24
C ARG A 22 -14.01 6.11 14.29
N HIS A 23 -12.79 6.09 14.81
CA HIS A 23 -11.63 5.87 13.93
C HIS A 23 -11.58 4.46 13.41
N TRP A 24 -12.08 3.51 14.17
CA TRP A 24 -12.07 2.12 13.72
C TRP A 24 -12.78 1.96 12.38
N HIS A 25 -13.75 2.82 12.06
CA HIS A 25 -14.46 2.69 10.77
C HIS A 25 -13.53 2.62 9.57
N THR A 26 -12.45 3.43 9.58
CA THR A 26 -11.52 3.40 8.45
C THR A 26 -10.25 2.71 8.86
N ALA A 27 -9.85 2.82 10.15
CA ALA A 27 -8.61 2.13 10.52
C ALA A 27 -8.67 0.63 10.21
N LYS A 28 -9.88 0.02 10.35
CA LYS A 28 -9.95 -1.44 10.15
C LYS A 28 -9.51 -1.81 8.72
N HIS A 29 -9.81 -0.96 7.74
CA HIS A 29 -9.44 -1.23 6.36
C HIS A 29 -7.95 -1.01 6.11
N ALA A 30 -7.38 0.02 6.73
CA ALA A 30 -5.96 0.26 6.55
C ALA A 30 -5.18 -0.86 7.25
N LEU A 31 -5.61 -1.25 8.47
CA LEU A 31 -4.86 -2.31 9.17
C LEU A 31 -4.93 -3.63 8.39
N ALA A 32 -6.10 -3.94 7.79
CA ALA A 32 -6.29 -5.22 7.10
C ALA A 32 -5.33 -5.37 5.94
N ARG A 33 -4.98 -4.28 5.29
CA ARG A 33 -4.09 -4.38 4.13
C ARG A 33 -2.62 -4.34 4.49
N MET A 34 -2.29 -4.07 5.77
CA MET A 34 -0.87 -4.02 6.14
C MET A 34 -0.23 -5.38 5.99
N PRO A 35 1.00 -5.42 5.49
CA PRO A 35 1.65 -6.71 5.21
C PRO A 35 2.39 -7.26 6.43
N VAL A 36 1.69 -7.24 7.58
CA VAL A 36 2.27 -7.66 8.85
C VAL A 36 2.24 -9.18 8.93
N GLU A 37 3.38 -9.78 9.27
CA GLU A 37 3.48 -11.24 9.38
C GLU A 37 3.44 -11.65 10.84
N GLU A 38 3.11 -12.92 11.10
CA GLU A 38 3.06 -13.44 12.46
C GLU A 38 4.43 -13.30 13.08
N GLY A 39 4.47 -12.80 14.29
CA GLY A 39 5.73 -12.63 14.99
C GLY A 39 6.41 -11.29 14.80
N ASP A 40 5.90 -10.44 13.86
CA ASP A 40 6.50 -9.11 13.61
C ASP A 40 6.44 -8.18 14.82
N THR A 41 7.33 -7.17 14.86
CA THR A 41 7.35 -6.13 15.90
C THR A 41 6.72 -4.88 15.25
N VAL A 42 5.66 -4.33 15.91
CA VAL A 42 4.98 -3.15 15.39
CA VAL A 42 5.01 -3.14 15.38
C VAL A 42 4.99 -2.06 16.43
N VAL A 43 5.17 -0.80 16.00
CA VAL A 43 5.09 0.35 16.89
C VAL A 43 3.86 1.15 16.42
N ASP A 44 3.00 1.53 17.38
CA ASP A 44 1.81 2.33 17.14
C ASP A 44 2.11 3.71 17.72
N LEU A 45 2.26 4.74 16.86
CA LEU A 45 2.63 6.08 17.30
C LEU A 45 1.35 6.89 17.57
N GLY A 46 1.15 7.24 18.84
CA GLY A 46 -0.04 7.98 19.25
C GLY A 46 -1.20 6.99 19.41
N THR A 47 -0.93 5.94 20.20
CA THR A 47 -1.80 4.78 20.30
C THR A 47 -3.22 5.07 20.80
N GLY A 48 -3.41 6.13 21.59
CA GLY A 48 -4.75 6.42 22.13
C GLY A 48 -5.18 5.26 23.01
N SER A 49 -6.36 4.67 22.68
CA SER A 49 -6.88 3.55 23.48
C SER A 49 -6.11 2.24 23.27
N GLY A 50 -5.21 2.21 22.26
CA GLY A 50 -4.40 1.03 21.93
C GLY A 50 -5.12 0.04 21.03
N TYR A 51 -6.30 0.42 20.49
CA TYR A 51 -7.07 -0.53 19.70
C TYR A 51 -6.34 -1.07 18.47
N ALA A 52 -5.48 -0.24 17.84
CA ALA A 52 -4.83 -0.76 16.62
C ALA A 52 -3.89 -1.92 16.93
N LEU A 53 -3.19 -1.86 18.09
CA LEU A 53 -2.30 -2.98 18.41
C LEU A 53 -3.12 -4.25 18.75
N ARG A 54 -4.25 -4.07 19.48
CA ARG A 54 -5.10 -5.20 19.80
C ARG A 54 -5.62 -5.83 18.51
N ALA A 55 -5.99 -5.00 17.51
CA ALA A 55 -6.48 -5.53 16.23
C ALA A 55 -5.37 -6.23 15.48
N LEU A 56 -4.14 -5.74 15.54
CA LEU A 56 -3.04 -6.41 14.82
C LEU A 56 -2.68 -7.72 15.50
N ARG A 57 -2.79 -7.75 16.85
CA ARG A 57 -2.54 -9.01 17.57
C ARG A 57 -3.62 -10.02 17.14
N ASP A 58 -4.91 -9.59 17.17
CA ASP A 58 -6.03 -10.49 16.88
C ASP A 58 -6.09 -10.99 15.44
N THR A 59 -5.73 -10.13 14.48
CA THR A 59 -5.87 -10.47 13.06
C THR A 59 -4.60 -10.85 12.32
N LYS A 60 -3.44 -10.41 12.79
CA LYS A 60 -2.16 -10.66 12.11
C LYS A 60 -1.19 -11.51 12.96
N GLY A 61 -1.50 -11.71 14.24
CA GLY A 61 -0.62 -12.51 15.11
C GLY A 61 0.73 -11.86 15.37
N ILE A 62 0.79 -10.53 15.48
CA ILE A 62 2.07 -9.89 15.79
C ILE A 62 2.71 -10.46 17.06
N GLY A 63 4.04 -10.51 17.05
CA GLY A 63 4.81 -11.04 18.17
C GLY A 63 5.00 -10.04 19.29
N ARG A 64 5.26 -8.77 18.94
CA ARG A 64 5.57 -7.72 19.90
C ARG A 64 4.93 -6.45 19.41
N GLY A 65 4.30 -5.72 20.31
CA GLY A 65 3.69 -4.45 19.94
C GLY A 65 4.06 -3.41 20.97
N PHE A 66 4.34 -2.16 20.53
CA PHE A 66 4.66 -1.04 21.41
C PHE A 66 3.68 0.06 21.09
N GLY A 67 2.89 0.47 22.08
CA GLY A 67 1.97 1.57 21.90
C GLY A 67 2.56 2.79 22.56
N LEU A 68 2.98 3.78 21.73
CA LEU A 68 3.62 4.98 22.24
C LEU A 68 2.63 6.13 22.28
N ASP A 69 2.64 6.91 23.35
CA ASP A 69 1.75 8.08 23.39
C ASP A 69 2.41 9.11 24.28
N GLY A 70 2.21 10.39 23.99
CA GLY A 70 2.80 11.46 24.83
C GLY A 70 2.01 11.71 26.10
N SER A 71 0.81 11.11 26.23
CA SER A 71 -0.05 11.29 27.39
C SER A 71 0.05 10.08 28.34
N PRO A 72 0.62 10.24 29.57
CA PRO A 72 0.69 9.10 30.49
C PRO A 72 -0.70 8.50 30.77
N GLU A 73 -1.74 9.32 30.93
CA GLU A 73 -3.09 8.82 31.21
C GLU A 73 -3.62 7.99 30.04
N MET A 74 -3.31 8.43 28.79
CA MET A 74 -3.72 7.70 27.62
C MET A 74 -3.09 6.29 27.63
N VAL A 75 -1.76 6.19 27.92
CA VAL A 75 -1.18 4.83 27.90
CA VAL A 75 -1.07 4.91 27.96
C VAL A 75 -1.59 4.02 29.10
N GLN A 76 -1.86 4.67 30.25
CA GLN A 76 -2.37 3.90 31.40
C GLN A 76 -3.71 3.30 31.00
N ASN A 77 -4.57 4.03 30.28
CA ASN A 77 -5.86 3.51 29.84
C ASN A 77 -5.65 2.40 28.82
N ALA A 78 -4.76 2.63 27.81
CA ALA A 78 -4.52 1.58 26.81
C ALA A 78 -4.03 0.29 27.47
N ARG A 79 -3.18 0.40 28.50
CA ARG A 79 -2.66 -0.79 29.16
C ARG A 79 -3.82 -1.50 29.89
N ALA A 80 -4.71 -0.73 30.51
CA ALA A 80 -5.85 -1.29 31.24
C ALA A 80 -6.83 -1.98 30.28
N TYR A 81 -6.93 -1.48 29.03
CA TYR A 81 -7.84 -2.08 28.04
C TYR A 81 -7.22 -3.29 27.33
N THR A 82 -5.96 -3.66 27.63
CA THR A 82 -5.25 -4.70 26.90
C THR A 82 -4.82 -5.81 27.85
N ASP A 83 -5.41 -6.99 27.67
CA ASP A 83 -5.21 -8.13 28.58
C ASP A 83 -4.06 -9.11 28.23
N THR A 84 -3.11 -8.69 27.37
CA THR A 84 -1.94 -9.51 27.01
C THR A 84 -0.67 -8.69 27.21
N ASP A 85 0.43 -9.35 27.64
CA ASP A 85 1.70 -8.68 27.85
C ASP A 85 2.59 -8.65 26.60
N ASP A 86 2.10 -9.26 25.49
CA ASP A 86 2.82 -9.22 24.20
C ASP A 86 2.72 -7.81 23.62
N LEU A 87 1.76 -7.02 24.13
CA LEU A 87 1.57 -5.62 23.75
C LEU A 87 1.99 -4.79 24.95
N SER A 88 2.92 -3.90 24.72
CA SER A 88 3.45 -3.04 25.76
C SER A 88 3.12 -1.60 25.42
N PHE A 89 3.15 -0.74 26.41
CA PHE A 89 2.83 0.66 26.25
C PHE A 89 3.87 1.49 26.94
N LEU A 90 4.16 2.66 26.35
CA LEU A 90 5.17 3.55 26.90
C LEU A 90 4.80 4.99 26.60
N VAL A 91 5.29 5.89 27.48
CA VAL A 91 5.14 7.33 27.24
C VAL A 91 6.33 7.75 26.40
N GLY A 92 6.07 8.51 25.33
CA GLY A 92 7.14 8.95 24.47
C GLY A 92 6.67 10.05 23.56
N ASP A 93 7.62 10.66 22.87
CA ASP A 93 7.34 11.82 22.02
C ASP A 93 7.75 11.57 20.56
N PHE A 94 6.93 12.10 19.64
CA PHE A 94 7.16 11.91 18.21
C PHE A 94 8.46 12.51 17.73
N ASP A 95 9.03 13.50 18.45
CA ASP A 95 10.25 14.11 17.97
C ASP A 95 11.51 13.31 18.27
N ASP A 96 11.43 12.28 19.11
CA ASP A 96 12.61 11.42 19.35
CA ASP A 96 12.61 11.48 19.43
C ASP A 96 12.18 10.09 19.86
N LEU A 97 12.14 9.19 18.92
CA LEU A 97 11.63 7.86 19.22
C LEU A 97 12.65 7.04 19.98
N PRO A 98 12.21 6.37 21.05
CA PRO A 98 13.15 5.62 21.90
C PRO A 98 13.39 4.19 21.44
N PHE A 99 13.56 4.00 20.11
CA PHE A 99 13.85 2.68 19.55
C PHE A 99 15.16 2.69 18.76
N ASP A 100 15.86 1.55 18.78
CA ASP A 100 17.10 1.46 18.04
C ASP A 100 16.88 1.56 16.55
N ASP A 101 17.96 1.87 15.82
CA ASP A 101 17.86 1.87 14.36
C ASP A 101 17.47 0.45 13.90
N ASP A 102 16.67 0.36 12.82
CA ASP A 102 16.37 -0.89 12.13
C ASP A 102 15.91 -1.99 13.08
N SER A 103 14.99 -1.64 14.00
CA SER A 103 14.57 -2.58 15.03
C SER A 103 13.08 -2.95 14.94
N VAL A 104 12.34 -2.24 14.07
CA VAL A 104 10.88 -2.38 14.02
C VAL A 104 10.44 -2.86 12.65
N ASP A 105 9.51 -3.83 12.57
CA ASP A 105 9.06 -4.27 11.24
C ASP A 105 8.07 -3.32 10.55
N HIS A 106 7.16 -2.75 11.33
CA HIS A 106 6.16 -1.82 10.76
C HIS A 106 5.81 -0.76 11.79
N VAL A 107 5.41 0.41 11.30
CA VAL A 107 4.95 1.49 12.17
C VAL A 107 3.56 1.88 11.67
N TRP A 108 2.62 2.02 12.65
CA TRP A 108 1.24 2.43 12.38
C TRP A 108 1.00 3.76 13.07
N SER A 109 0.26 4.66 12.41
CA SER A 109 -0.19 5.85 13.12
C SER A 109 -1.52 6.31 12.51
N MET A 110 -2.54 6.47 13.38
CA MET A 110 -3.87 6.94 12.95
C MET A 110 -4.23 8.19 13.70
N GLU A 111 -4.61 9.26 12.97
CA GLU A 111 -5.12 10.50 13.56
C GLU A 111 -4.17 11.11 14.59
N ALA A 112 -2.87 11.01 14.28
CA ALA A 112 -1.88 11.52 15.23
C ALA A 112 -0.71 12.22 14.56
N PHE A 113 -0.35 11.81 13.33
CA PHE A 113 0.90 12.29 12.76
C PHE A 113 0.95 13.81 12.63
N TYR A 114 -0.20 14.40 12.32
CA TYR A 114 -0.25 15.83 12.05
C TYR A 114 -0.10 16.69 13.32
N TYR A 115 0.02 16.05 14.51
CA TYR A 115 0.31 16.82 15.73
C TYR A 115 1.81 16.93 15.96
N ALA A 116 2.64 16.17 15.21
CA ALA A 116 4.09 16.21 15.40
C ALA A 116 4.60 17.63 15.25
N ALA A 117 5.47 18.06 16.16
CA ALA A 117 6.04 19.41 16.15
C ALA A 117 6.94 19.62 14.94
N ASP A 118 7.64 18.56 14.52
CA ASP A 118 8.56 18.67 13.38
C ASP A 118 8.27 17.41 12.55
N PRO A 119 7.24 17.48 11.66
CA PRO A 119 6.86 16.28 10.90
C PRO A 119 7.98 15.68 10.09
N HIS A 120 8.87 16.52 9.50
CA HIS A 120 9.96 16.00 8.73
CA HIS A 120 10.01 16.00 8.73
C HIS A 120 10.91 15.16 9.63
N HIS A 121 11.23 15.65 10.84
CA HIS A 121 12.08 14.88 11.74
C HIS A 121 11.39 13.56 12.17
N THR A 122 10.08 13.62 12.44
CA THR A 122 9.33 12.42 12.85
C THR A 122 9.43 11.39 11.72
N LEU A 123 9.27 11.86 10.45
CA LEU A 123 9.38 10.90 9.36
C LEU A 123 10.79 10.28 9.26
N GLU A 124 11.82 11.11 9.49
CA GLU A 124 13.20 10.60 9.52
C GLU A 124 13.40 9.58 10.65
N GLU A 125 12.75 9.83 11.81
CA GLU A 125 12.84 8.89 12.93
C GLU A 125 12.17 7.58 12.61
N ILE A 126 11.04 7.65 11.87
CA ILE A 126 10.37 6.42 11.50
C ILE A 126 11.22 5.63 10.52
N ALA A 127 11.80 6.30 9.51
CA ALA A 127 12.69 5.62 8.57
C ALA A 127 13.87 5.02 9.31
N ARG A 128 14.36 5.70 10.36
CA ARG A 128 15.49 5.19 11.13
C ARG A 128 15.11 3.89 11.83
N ILE A 129 14.00 3.88 12.61
CA ILE A 129 13.67 2.70 13.42
C ILE A 129 13.17 1.54 12.61
N LEU A 130 12.60 1.81 11.40
CA LEU A 130 12.09 0.69 10.61
C LEU A 130 13.22 -0.16 10.04
N LYS A 131 13.04 -1.45 9.97
CA LYS A 131 13.98 -2.29 9.26
C LYS A 131 13.79 -2.03 7.76
N PRO A 132 14.84 -2.24 6.94
CA PRO A 132 14.67 -2.05 5.48
C PRO A 132 13.52 -2.94 4.97
N GLY A 133 12.65 -2.34 4.16
CA GLY A 133 11.49 -3.04 3.62
C GLY A 133 10.28 -2.96 4.54
N GLY A 134 10.47 -2.45 5.76
CA GLY A 134 9.36 -2.30 6.70
C GLY A 134 8.49 -1.13 6.27
N THR A 135 7.21 -1.12 6.73
CA THR A 135 6.30 -0.07 6.28
C THR A 135 5.89 0.88 7.35
N PHE A 136 5.46 2.07 6.91
CA PHE A 136 4.86 3.09 7.75
C PHE A 136 3.47 3.34 7.15
N TYR A 137 2.43 3.02 7.92
CA TYR A 137 1.03 3.27 7.53
C TYR A 137 0.63 4.53 8.27
N CYS A 138 0.44 5.64 7.51
CA CYS A 138 0.14 6.94 8.06
C CYS A 138 -1.27 7.31 7.63
N ALA A 139 -2.23 7.22 8.56
CA ALA A 139 -3.63 7.49 8.27
C ALA A 139 -4.06 8.75 9.00
N VAL A 140 -4.67 9.68 8.26
CA VAL A 140 -5.07 10.98 8.82
C VAL A 140 -6.39 11.43 8.27
N ASN A 141 -7.17 12.13 9.10
CA ASN A 141 -8.43 12.71 8.63
C ASN A 141 -8.31 14.23 8.49
N TYR A 142 -7.22 14.83 8.97
CA TYR A 142 -6.97 16.27 8.86
C TYR A 142 -5.92 16.45 7.76
N TYR A 143 -6.33 17.01 6.61
CA TYR A 143 -5.42 17.18 5.47
C TYR A 143 -6.06 18.19 4.51
N GLU A 144 -5.28 18.68 3.56
CA GLU A 144 -5.74 19.83 2.76
C GLU A 144 -7.01 19.59 1.95
N GLU A 145 -7.09 18.48 1.24
CA GLU A 145 -8.25 18.21 0.36
C GLU A 145 -9.56 18.04 1.14
N ASN A 146 -9.46 17.60 2.40
CA ASN A 146 -10.67 17.40 3.21
C ASN A 146 -11.06 18.73 3.83
N VAL A 147 -11.77 19.55 3.05
CA VAL A 147 -12.13 20.89 3.49
C VAL A 147 -12.90 20.91 4.82
N HIS A 148 -13.67 19.86 5.09
CA HIS A 148 -14.45 19.78 6.31
C HIS A 148 -13.61 19.60 7.57
N SER A 149 -12.32 19.27 7.40
CA SER A 149 -11.42 19.11 8.56
C SER A 149 -10.72 20.39 8.95
N HIS A 150 -10.71 21.41 8.07
CA HIS A 150 -9.95 22.62 8.35
C HIS A 150 -10.34 23.29 9.68
N GLU A 151 -11.63 23.29 10.00
CA GLU A 151 -12.13 23.93 11.22
C GLU A 151 -11.65 23.27 12.52
N TRP A 152 -11.10 22.02 12.45
CA TRP A 152 -10.57 21.30 13.62
CA TRP A 152 -10.60 21.34 13.64
C TRP A 152 -9.50 22.11 14.34
N GLN A 153 -8.72 22.91 13.57
CA GLN A 153 -7.65 23.72 14.16
C GLN A 153 -8.20 24.75 15.18
N GLU A 154 -9.47 25.14 15.03
CA GLU A 154 -10.07 26.11 15.94
C GLU A 154 -10.44 25.50 17.29
N HIS A 155 -10.44 24.16 17.37
CA HIS A 155 -10.85 23.39 18.55
C HIS A 155 -9.72 22.69 19.30
N ILE A 156 -8.46 22.91 18.91
CA ILE A 156 -7.32 22.30 19.58
C ILE A 156 -6.15 23.27 19.52
N SER A 157 -5.43 23.37 20.64
CA SER A 157 -4.36 24.39 20.71
C SER A 157 -3.05 23.97 20.07
N ILE A 158 -2.92 22.69 19.70
CA ILE A 158 -1.68 22.16 19.10
C ILE A 158 -1.65 22.60 17.63
N ASP A 159 -0.49 23.14 17.18
CA ASP A 159 -0.34 23.55 15.77
C ASP A 159 -0.25 22.27 14.95
N MET A 160 -1.22 22.08 14.09
CA MET A 160 -1.33 20.86 13.27
C MET A 160 -0.82 21.08 11.86
N THR A 161 -0.14 20.08 11.31
CA THR A 161 0.36 20.14 9.96
C THR A 161 -0.79 19.80 9.01
N ARG A 162 -1.10 20.71 8.06
CA ARG A 162 -2.18 20.47 7.12
C ARG A 162 -1.52 20.30 5.75
N TRP A 163 -1.35 19.05 5.35
CA TRP A 163 -0.69 18.78 4.06
C TRP A 163 -1.67 18.20 3.06
N SER A 164 -1.39 18.45 1.78
CA SER A 164 -2.16 17.85 0.72
C SER A 164 -1.66 16.40 0.48
N HIS A 165 -2.38 15.66 -0.39
CA HIS A 165 -1.92 14.32 -0.77
C HIS A 165 -0.48 14.40 -1.33
N ALA A 166 -0.21 15.39 -2.24
CA ALA A 166 1.12 15.47 -2.83
C ALA A 166 2.19 15.80 -1.82
N GLU A 167 1.84 16.67 -0.84
CA GLU A 167 2.81 17.04 0.20
C GLU A 167 3.17 15.87 1.11
N TYR A 168 2.19 14.97 1.39
CA TYR A 168 2.54 13.80 2.19
C TYR A 168 3.54 12.93 1.37
N ARG A 169 3.28 12.78 0.03
CA ARG A 169 4.20 11.93 -0.74
C ARG A 169 5.60 12.55 -0.81
N GLU A 170 5.68 13.87 -1.02
CA GLU A 170 6.98 14.53 -1.08
C GLU A 170 7.73 14.46 0.27
N ALA A 171 7.00 14.65 1.38
CA ALA A 171 7.64 14.61 2.71
C ALA A 171 8.18 13.23 2.97
N PHE A 172 7.43 12.18 2.59
CA PHE A 172 7.93 10.81 2.77
C PHE A 172 9.25 10.61 2.01
N ARG A 173 9.29 11.02 0.72
CA ARG A 173 10.53 10.90 -0.09
CA ARG A 173 10.52 10.86 -0.07
C ARG A 173 11.66 11.69 0.54
N ASP A 174 11.36 12.92 0.97
CA ASP A 174 12.41 13.78 1.56
C ASP A 174 13.03 13.13 2.81
N ALA A 175 12.23 12.31 3.52
CA ALA A 175 12.69 11.64 4.73
C ALA A 175 13.35 10.31 4.45
N GLY A 176 13.41 9.91 3.17
CA GLY A 176 14.03 8.66 2.77
C GLY A 176 13.11 7.47 2.69
N LEU A 177 11.79 7.67 2.76
CA LEU A 177 10.86 6.57 2.60
C LEU A 177 10.41 6.50 1.14
N HIS A 178 10.29 5.29 0.59
CA HIS A 178 9.65 5.12 -0.73
C HIS A 178 8.12 5.20 -0.51
N VAL A 179 7.37 5.78 -1.45
CA VAL A 179 5.91 5.84 -1.28
C VAL A 179 5.32 4.67 -2.09
N ALA A 180 4.64 3.75 -1.39
CA ALA A 180 4.10 2.58 -2.04
C ALA A 180 2.66 2.66 -2.43
N GLU A 181 1.91 3.53 -1.75
CA GLU A 181 0.47 3.60 -1.88
C GLU A 181 -0.02 4.88 -1.29
N GLN A 182 -1.07 5.45 -1.88
CA GLN A 182 -1.74 6.54 -1.21
C GLN A 182 -3.20 6.37 -1.55
N ASP A 183 -4.05 6.25 -0.55
CA ASP A 183 -5.47 5.97 -0.81
C ASP A 183 -6.38 6.83 0.03
N SER A 184 -7.60 6.99 -0.45
CA SER A 184 -8.66 7.68 0.28
CA SER A 184 -8.68 7.68 0.25
C SER A 184 -9.58 6.55 0.74
N ILE A 185 -9.66 6.31 2.08
CA ILE A 185 -10.47 5.20 2.62
C ILE A 185 -11.83 5.72 3.07
N ALA A 186 -12.90 5.25 2.42
CA ALA A 186 -14.22 5.71 2.79
C ALA A 186 -14.66 5.11 4.08
N ASP A 187 -15.43 5.89 4.84
CA ASP A 187 -16.05 5.40 6.05
C ASP A 187 -17.44 4.86 5.62
N LEU A 188 -17.56 3.53 5.53
CA LEU A 188 -18.83 2.88 5.13
C LEU A 188 -19.65 2.48 6.36
N ASP A 189 -19.21 2.82 7.58
CA ASP A 189 -19.91 2.46 8.80
C ASP A 189 -20.79 3.57 9.34
N ILE A 190 -20.29 4.81 9.31
CA ILE A 190 -21.03 5.93 9.92
C ILE A 190 -22.43 6.08 9.31
N ASP A 191 -23.44 6.31 10.16
CA ASP A 191 -24.80 6.52 9.64
C ASP A 191 -24.86 7.85 8.92
N ILE A 192 -25.22 7.82 7.63
CA ILE A 192 -25.45 9.04 6.83
C ILE A 192 -26.98 9.06 6.61
N PRO A 193 -27.73 9.86 7.39
CA PRO A 193 -29.21 9.83 7.31
C PRO A 193 -29.77 10.21 5.96
N ALA A 194 -31.11 9.99 5.76
CA ALA A 194 -31.76 10.43 4.54
C ALA A 194 -31.61 11.97 4.40
N ALA A 195 -31.64 12.46 3.17
CA ALA A 195 -31.50 13.90 2.88
C ALA A 195 -32.47 14.80 3.63
N THR A 196 -33.73 14.34 3.87
CA THR A 196 -34.73 15.11 4.60
C THR A 196 -34.44 15.26 6.12
N GLU A 197 -33.45 14.51 6.66
CA GLU A 197 -33.13 14.58 8.09
C GLU A 197 -32.13 15.68 8.38
N PHE A 198 -31.66 16.37 7.32
CA PHE A 198 -30.71 17.43 7.49
C PHE A 198 -31.42 18.78 7.56
N PRO A 199 -30.84 19.78 8.27
CA PRO A 199 -29.56 19.75 8.99
C PRO A 199 -29.59 18.91 10.27
N THR A 200 -28.45 18.27 10.55
CA THR A 200 -28.28 17.51 11.78
C THR A 200 -27.43 18.41 12.70
N ASP A 201 -27.06 17.91 13.89
CA ASP A 201 -26.21 18.65 14.82
C ASP A 201 -24.81 18.93 14.23
N ASP A 202 -24.30 18.01 13.38
CA ASP A 202 -22.95 18.13 12.82
C ASP A 202 -22.84 18.50 11.34
N TRP A 203 -23.94 18.36 10.55
CA TRP A 203 -23.90 18.58 9.11
C TRP A 203 -25.09 19.37 8.61
N GLU A 204 -24.84 20.35 7.76
CA GLU A 204 -25.93 21.15 7.19
C GLU A 204 -26.67 20.38 6.11
N THR A 205 -25.95 19.59 5.28
CA THR A 205 -26.56 18.86 4.18
C THR A 205 -26.02 17.45 4.10
N ARG A 206 -26.75 16.55 3.39
CA ARG A 206 -26.28 15.19 3.22
C ARG A 206 -25.08 15.20 2.31
N GLU A 207 -25.08 16.09 1.31
CA GLU A 207 -23.95 16.18 0.35
C GLU A 207 -22.63 16.45 1.06
N ALA A 208 -22.63 17.34 2.08
CA ALA A 208 -21.39 17.69 2.81
C ALA A 208 -20.92 16.48 3.62
N MET A 209 -21.86 15.77 4.25
CA MET A 209 -21.49 14.60 5.03
C MET A 209 -20.95 13.48 4.11
N VAL A 210 -21.60 13.25 2.95
CA VAL A 210 -21.12 12.27 1.98
C VAL A 210 -19.73 12.66 1.48
N GLU A 211 -19.51 13.96 1.25
CA GLU A 211 -18.21 14.36 0.74
C GLU A 211 -17.13 14.07 1.80
N ARG A 212 -17.43 14.39 3.06
CA ARG A 212 -16.43 14.13 4.11
C ARG A 212 -16.12 12.64 4.23
N TYR A 213 -17.14 11.79 4.35
CA TYR A 213 -16.87 10.40 4.68
C TYR A 213 -16.68 9.45 3.51
N ARG A 214 -17.20 9.78 2.33
CA ARG A 214 -17.09 8.89 1.16
C ARG A 214 -16.11 9.40 0.10
N THR A 215 -16.23 10.67 -0.25
CA THR A 215 -15.38 11.22 -1.31
C THR A 215 -13.94 11.41 -0.82
N PHE A 216 -13.79 12.03 0.37
CA PHE A 216 -12.47 12.30 0.94
C PHE A 216 -12.05 11.15 1.88
N GLY A 217 -12.82 10.96 2.96
CA GLY A 217 -12.55 9.90 3.93
C GLY A 217 -11.17 10.05 4.57
N THR A 218 -10.57 8.93 4.97
CA THR A 218 -9.28 8.95 5.62
C THR A 218 -8.18 8.84 4.59
N LEU A 219 -7.18 9.73 4.67
CA LEU A 219 -6.04 9.64 3.78
C LEU A 219 -5.07 8.65 4.36
N LEU A 220 -4.64 7.65 3.56
CA LEU A 220 -3.62 6.70 4.01
C LEU A 220 -2.45 6.89 3.07
N THR A 221 -1.24 7.14 3.63
CA THR A 221 -0.03 7.17 2.79
C THR A 221 0.88 6.04 3.36
N VAL A 222 1.38 5.16 2.48
CA VAL A 222 2.20 4.02 2.91
C VAL A 222 3.62 4.26 2.48
N GLY A 223 4.53 4.28 3.45
CA GLY A 223 5.95 4.44 3.17
C GLY A 223 6.68 3.14 3.41
N VAL A 224 7.80 2.95 2.68
CA VAL A 224 8.62 1.75 2.83
C VAL A 224 10.04 2.23 3.13
N ALA A 225 10.63 1.67 4.20
CA ALA A 225 11.98 2.06 4.62
C ALA A 225 12.98 1.49 3.66
N PRO A 226 13.98 2.31 3.29
CA PRO A 226 14.98 1.83 2.36
C PRO A 226 16.12 1.12 3.10
N HIS A 227 16.93 0.44 2.30
CA HIS A 227 18.19 -0.16 2.75
C HIS A 227 19.21 0.98 2.76
N SER B 2 -0.81 -21.36 -27.10
CA SER B 2 -0.07 -20.08 -27.11
C SER B 2 -0.96 -18.92 -26.60
N VAL B 3 -0.33 -17.79 -26.23
CA VAL B 3 -1.03 -16.60 -25.72
C VAL B 3 -1.93 -16.05 -26.78
N ARG B 4 -1.40 -15.83 -28.02
CA ARG B 4 -2.25 -15.26 -29.07
C ARG B 4 -3.39 -16.22 -29.44
N ASP B 5 -3.17 -17.55 -29.38
CA ASP B 5 -4.24 -18.53 -29.65
C ASP B 5 -5.36 -18.42 -28.61
N GLU B 6 -4.98 -18.39 -27.32
CA GLU B 6 -5.90 -18.32 -26.18
C GLU B 6 -6.63 -16.98 -26.10
N PHE B 7 -5.95 -15.85 -26.37
CA PHE B 7 -6.59 -14.56 -26.17
C PHE B 7 -7.09 -13.82 -27.42
N ASP B 8 -6.91 -14.34 -28.64
CA ASP B 8 -7.43 -13.62 -29.81
C ASP B 8 -8.96 -13.55 -29.83
N ALA B 9 -9.65 -14.60 -29.31
CA ALA B 9 -11.12 -14.60 -29.21
C ALA B 9 -11.57 -13.57 -28.17
N TRP B 10 -10.70 -13.27 -27.20
CA TRP B 10 -11.00 -12.27 -26.18
C TRP B 10 -10.83 -10.85 -26.73
N ALA B 11 -10.13 -10.71 -27.88
CA ALA B 11 -9.92 -9.44 -28.56
C ALA B 11 -11.02 -9.19 -29.64
N ALA B 12 -11.83 -10.22 -29.96
CA ALA B 12 -12.89 -10.10 -30.97
C ALA B 12 -14.18 -9.57 -30.39
N ARG B 15 -15.27 -8.32 -26.85
CA ARG B 15 -15.05 -9.07 -25.61
C ARG B 15 -13.93 -8.44 -24.76
N ASP B 16 -13.04 -7.66 -25.39
CA ASP B 16 -11.95 -6.95 -24.68
C ASP B 16 -12.57 -5.83 -23.87
N LYS B 17 -13.60 -5.18 -24.45
CA LYS B 17 -14.37 -4.15 -23.74
C LYS B 17 -15.18 -4.80 -22.63
N GLY B 18 -15.67 -6.03 -22.85
CA GLY B 18 -16.44 -6.75 -21.83
C GLY B 18 -15.55 -7.08 -20.64
N MET B 19 -14.29 -7.49 -20.89
CA MET B 19 -13.33 -7.74 -19.80
C MET B 19 -13.09 -6.44 -19.05
N GLU B 20 -12.91 -5.32 -19.79
CA GLU B 20 -12.69 -4.02 -19.16
C GLU B 20 -13.84 -3.69 -18.25
N ASP B 21 -15.08 -3.82 -18.77
CA ASP B 21 -16.23 -3.43 -17.95
C ASP B 21 -16.36 -4.23 -16.65
N ARG B 22 -16.04 -5.52 -16.71
CA ARG B 22 -16.11 -6.37 -15.51
C ARG B 22 -14.93 -6.06 -14.56
N HIS B 23 -13.72 -6.02 -15.12
CA HIS B 23 -12.52 -5.82 -14.31
C HIS B 23 -12.43 -4.45 -13.68
N TRP B 24 -13.01 -3.43 -14.37
CA TRP B 24 -13.01 -2.08 -13.81
C TRP B 24 -13.65 -2.01 -12.44
N HIS B 25 -14.64 -2.90 -12.17
CA HIS B 25 -15.32 -2.86 -10.86
C HIS B 25 -14.35 -2.88 -9.69
N THR B 26 -13.25 -3.63 -9.85
CA THR B 26 -12.27 -3.67 -8.74
C THR B 26 -10.99 -2.90 -9.13
N ALA B 27 -10.63 -2.96 -10.43
CA ALA B 27 -9.39 -2.27 -10.88
C ALA B 27 -9.44 -0.79 -10.57
N LYS B 28 -10.64 -0.16 -10.64
CA LYS B 28 -10.68 1.27 -10.37
C LYS B 28 -10.12 1.58 -8.98
N HIS B 29 -10.37 0.72 -8.00
CA HIS B 29 -9.93 0.96 -6.62
C HIS B 29 -8.46 0.70 -6.48
N ALA B 30 -7.95 -0.35 -7.14
CA ALA B 30 -6.51 -0.64 -7.06
C ALA B 30 -5.70 0.47 -7.75
N LEU B 31 -6.16 0.94 -8.93
CA LEU B 31 -5.46 1.98 -9.65
C LEU B 31 -5.40 3.26 -8.83
N ALA B 32 -6.50 3.55 -8.09
CA ALA B 32 -6.54 4.79 -7.31
C ALA B 32 -5.51 4.80 -6.20
N ARG B 33 -5.00 3.64 -5.80
CA ARG B 33 -4.02 3.53 -4.71
C ARG B 33 -2.62 3.84 -5.21
N MET B 34 -2.36 3.71 -6.55
CA MET B 34 -0.99 3.80 -7.05
C MET B 34 -0.38 5.15 -6.77
N PRO B 35 0.87 5.17 -6.24
CA PRO B 35 1.49 6.45 -5.85
C PRO B 35 2.17 7.16 -7.03
N VAL B 36 1.40 7.34 -8.10
CA VAL B 36 1.90 7.99 -9.31
C VAL B 36 2.12 9.46 -9.09
N GLU B 37 3.24 9.96 -9.63
CA GLU B 37 3.53 11.39 -9.70
C GLU B 37 3.27 11.79 -11.15
N GLU B 38 2.80 13.02 -11.37
CA GLU B 38 2.57 13.47 -12.73
C GLU B 38 3.85 13.29 -13.53
N GLY B 39 3.68 12.73 -14.75
CA GLY B 39 4.82 12.51 -15.63
C GLY B 39 5.44 11.12 -15.54
N ASP B 40 5.01 10.30 -14.57
CA ASP B 40 5.60 8.95 -14.41
C ASP B 40 5.43 8.03 -15.60
N THR B 41 6.37 7.09 -15.74
CA THR B 41 6.34 6.07 -16.81
C THR B 41 5.77 4.80 -16.19
N VAL B 42 4.71 4.26 -16.80
CA VAL B 42 4.07 3.04 -16.31
C VAL B 42 4.03 1.98 -17.40
N VAL B 43 4.31 0.73 -17.01
CA VAL B 43 4.18 -0.43 -17.89
C VAL B 43 2.97 -1.24 -17.39
N ASP B 44 2.08 -1.57 -18.32
CA ASP B 44 0.87 -2.33 -18.02
C ASP B 44 1.07 -3.72 -18.67
N LEU B 45 1.25 -4.74 -17.82
CA LEU B 45 1.54 -6.09 -18.31
C LEU B 45 0.26 -6.85 -18.54
N GLY B 46 -0.02 -7.18 -19.82
CA GLY B 46 -1.26 -7.86 -20.22
C GLY B 46 -2.38 -6.84 -20.29
N THR B 47 -2.13 -5.79 -21.05
CA THR B 47 -2.96 -4.59 -21.08
C THR B 47 -4.42 -4.81 -21.51
N GLY B 48 -4.68 -5.85 -22.33
CA GLY B 48 -6.06 -6.05 -22.79
C GLY B 48 -6.51 -4.84 -23.58
N SER B 49 -7.63 -4.20 -23.19
CA SER B 49 -8.13 -3.03 -23.93
C SER B 49 -7.28 -1.76 -23.68
N GLY B 50 -6.34 -1.82 -22.74
CA GLY B 50 -5.50 -0.67 -22.39
C GLY B 50 -6.14 0.29 -21.40
N TYR B 51 -7.29 -0.07 -20.80
CA TYR B 51 -8.03 0.85 -19.96
C TYR B 51 -7.25 1.37 -18.76
N ALA B 52 -6.35 0.53 -18.20
CA ALA B 52 -5.65 0.95 -16.99
C ALA B 52 -4.73 2.12 -17.29
N LEU B 53 -4.05 2.11 -18.45
CA LEU B 53 -3.19 3.22 -18.80
C LEU B 53 -4.00 4.48 -19.04
N ARG B 54 -5.16 4.34 -19.73
CA ARG B 54 -5.99 5.53 -19.96
C ARG B 54 -6.52 6.08 -18.64
N ALA B 55 -6.91 5.22 -17.68
CA ALA B 55 -7.38 5.65 -16.38
C ALA B 55 -6.26 6.32 -15.60
N LEU B 56 -5.02 5.78 -15.67
CA LEU B 56 -3.93 6.42 -14.95
C LEU B 56 -3.57 7.78 -15.54
N ARG B 57 -3.66 7.91 -16.87
CA ARG B 57 -3.37 9.23 -17.48
C ARG B 57 -4.45 10.25 -17.13
N ASP B 58 -5.70 9.83 -17.20
CA ASP B 58 -6.83 10.72 -16.88
C ASP B 58 -6.94 11.13 -15.43
N THR B 59 -6.57 10.25 -14.49
CA THR B 59 -6.76 10.52 -13.05
C THR B 59 -5.48 10.86 -12.29
N LYS B 60 -4.33 10.44 -12.80
CA LYS B 60 -3.08 10.66 -12.08
C LYS B 60 -2.00 11.38 -12.91
N GLY B 61 -2.28 11.58 -14.19
CA GLY B 61 -1.38 12.31 -15.08
C GLY B 61 -0.06 11.63 -15.38
N ILE B 62 -0.04 10.30 -15.54
CA ILE B 62 1.18 9.65 -15.98
C ILE B 62 1.63 10.27 -17.29
N GLY B 63 2.93 10.26 -17.50
CA GLY B 63 3.51 10.89 -18.67
C GLY B 63 3.71 9.99 -19.85
N ARG B 64 4.10 8.73 -19.58
CA ARG B 64 4.39 7.75 -20.62
C ARG B 64 3.80 6.43 -20.19
N GLY B 65 3.16 5.74 -21.11
CA GLY B 65 2.61 4.45 -20.77
C GLY B 65 2.92 3.44 -21.84
N PHE B 66 3.20 2.18 -21.40
CA PHE B 66 3.46 1.10 -22.34
C PHE B 66 2.55 -0.04 -21.99
N GLY B 67 1.67 -0.41 -22.91
CA GLY B 67 0.74 -1.52 -22.72
C GLY B 67 1.27 -2.72 -23.49
N LEU B 68 1.78 -3.70 -22.76
CA LEU B 68 2.41 -4.88 -23.34
C LEU B 68 1.38 -6.03 -23.36
N ASP B 69 1.30 -6.77 -24.48
CA ASP B 69 0.37 -7.89 -24.55
C ASP B 69 0.94 -8.90 -25.52
N GLY B 70 0.72 -10.16 -25.26
CA GLY B 70 1.21 -11.21 -26.16
C GLY B 70 0.29 -11.44 -27.35
N SER B 71 -0.91 -10.81 -27.35
CA SER B 71 -1.88 -10.89 -28.44
C SER B 71 -1.79 -9.65 -29.34
N PRO B 72 -1.32 -9.80 -30.61
CA PRO B 72 -1.26 -8.64 -31.51
C PRO B 72 -2.63 -7.98 -31.74
N GLU B 73 -3.71 -8.77 -31.80
CA GLU B 73 -5.07 -8.25 -31.98
C GLU B 73 -5.49 -7.39 -30.77
N MET B 74 -5.11 -7.85 -29.56
CA MET B 74 -5.41 -7.12 -28.34
C MET B 74 -4.78 -5.72 -28.34
N VAL B 75 -3.50 -5.63 -28.68
CA VAL B 75 -2.87 -4.30 -28.65
C VAL B 75 -3.30 -3.43 -29.83
N GLN B 76 -3.71 -4.04 -30.98
CA GLN B 76 -4.29 -3.27 -32.09
C GLN B 76 -5.57 -2.62 -31.57
N ASN B 77 -6.41 -3.39 -30.84
CA ASN B 77 -7.61 -2.84 -30.25
C ASN B 77 -7.31 -1.73 -29.23
N ALA B 78 -6.39 -2.02 -28.27
CA ALA B 78 -6.03 -1.04 -27.24
C ALA B 78 -5.60 0.30 -27.86
N ARG B 79 -4.80 0.25 -28.91
CA ARG B 79 -4.36 1.47 -29.62
C ARG B 79 -5.56 2.20 -30.24
N ALA B 80 -6.48 1.45 -30.88
CA ALA B 80 -7.69 2.05 -31.47
C ALA B 80 -8.56 2.76 -30.43
N TYR B 81 -8.52 2.32 -29.14
CA TYR B 81 -9.32 2.93 -28.08
C TYR B 81 -8.63 4.09 -27.42
N THR B 82 -7.40 4.39 -27.84
CA THR B 82 -6.60 5.41 -27.14
C THR B 82 -6.48 6.70 -27.95
N ASP B 83 -6.75 7.86 -27.33
CA ASP B 83 -6.72 9.16 -28.02
C ASP B 83 -5.47 9.99 -27.73
N THR B 84 -4.32 9.33 -27.51
CA THR B 84 -3.04 10.00 -27.28
C THR B 84 -1.90 9.11 -27.72
N ASP B 85 -0.80 9.71 -28.15
CA ASP B 85 0.40 8.97 -28.48
C ASP B 85 1.34 8.84 -27.26
N ASP B 86 0.98 9.46 -26.11
CA ASP B 86 1.80 9.35 -24.89
C ASP B 86 1.66 7.93 -24.28
N LEU B 87 0.59 7.22 -24.69
CA LEU B 87 0.34 5.84 -24.27
C LEU B 87 0.56 5.00 -25.51
N SER B 88 1.50 4.07 -25.42
CA SER B 88 1.85 3.23 -26.56
C SER B 88 1.62 1.79 -26.21
N PHE B 89 1.57 0.96 -27.26
CA PHE B 89 1.28 -0.47 -27.15
C PHE B 89 2.28 -1.29 -27.92
N LEU B 90 2.58 -2.48 -27.41
CA LEU B 90 3.58 -3.35 -28.02
C LEU B 90 3.24 -4.81 -27.74
N VAL B 91 3.69 -5.66 -28.64
CA VAL B 91 3.56 -7.10 -28.46
C VAL B 91 4.80 -7.55 -27.69
N GLY B 92 4.60 -8.32 -26.63
CA GLY B 92 5.70 -8.84 -25.85
C GLY B 92 5.27 -10.02 -25.00
N ASP B 93 6.23 -10.55 -24.23
CA ASP B 93 5.95 -11.71 -23.38
C ASP B 93 6.48 -11.47 -21.99
N PHE B 94 5.73 -11.96 -21.00
CA PHE B 94 6.06 -11.78 -19.60
C PHE B 94 7.38 -12.40 -19.18
N ASP B 95 7.91 -13.34 -20.00
CA ASP B 95 9.17 -13.96 -19.59
C ASP B 95 10.41 -13.18 -19.97
N ASP B 96 10.27 -12.16 -20.84
CA ASP B 96 11.45 -11.37 -21.25
C ASP B 96 10.97 -9.98 -21.55
N LEU B 97 11.00 -9.09 -20.53
CA LEU B 97 10.46 -7.74 -20.72
C LEU B 97 11.45 -6.87 -21.49
N PRO B 98 10.94 -6.22 -22.56
CA PRO B 98 11.83 -5.48 -23.47
C PRO B 98 12.05 -4.04 -23.03
N PHE B 99 12.36 -3.88 -21.73
CA PHE B 99 12.67 -2.58 -21.14
C PHE B 99 13.98 -2.63 -20.42
N ASP B 100 14.71 -1.49 -20.48
CA ASP B 100 15.98 -1.36 -19.81
C ASP B 100 15.88 -1.54 -18.30
N ASP B 101 16.99 -1.89 -17.64
CA ASP B 101 17.01 -1.93 -16.19
C ASP B 101 16.66 -0.55 -15.63
N ASP B 102 15.93 -0.50 -14.52
CA ASP B 102 15.66 0.73 -13.77
C ASP B 102 15.16 1.86 -14.66
N SER B 103 14.20 1.56 -15.54
CA SER B 103 13.74 2.56 -16.47
C SER B 103 12.26 2.90 -16.29
N VAL B 104 11.53 2.14 -15.43
CA VAL B 104 10.07 2.25 -15.28
C VAL B 104 9.72 2.71 -13.89
N ASP B 105 8.76 3.66 -13.78
CA ASP B 105 8.40 4.11 -12.42
C ASP B 105 7.46 3.14 -11.72
N HIS B 106 6.46 2.58 -12.46
CA HIS B 106 5.54 1.63 -11.85
C HIS B 106 5.08 0.61 -12.88
N VAL B 107 4.75 -0.58 -12.39
CA VAL B 107 4.20 -1.64 -13.27
C VAL B 107 2.84 -2.00 -12.67
N TRP B 108 1.83 -2.15 -13.55
CA TRP B 108 0.49 -2.55 -13.22
C TRP B 108 0.18 -3.84 -13.97
N SER B 109 -0.54 -4.75 -13.34
CA SER B 109 -1.05 -5.91 -14.05
C SER B 109 -2.37 -6.35 -13.42
N MET B 110 -3.40 -6.51 -14.24
CA MET B 110 -4.71 -6.98 -13.73
C MET B 110 -5.11 -8.22 -14.55
N GLU B 111 -5.47 -9.29 -13.84
CA GLU B 111 -6.01 -10.50 -14.45
C GLU B 111 -5.09 -11.06 -15.54
N ALA B 112 -3.76 -11.04 -15.33
CA ALA B 112 -2.84 -11.53 -16.36
C ALA B 112 -1.68 -12.27 -15.77
N PHE B 113 -1.24 -11.87 -14.57
CA PHE B 113 0.02 -12.39 -14.04
C PHE B 113 0.09 -13.90 -13.96
N TYR B 114 -1.04 -14.51 -13.60
CA TYR B 114 -1.07 -15.95 -13.35
C TYR B 114 -1.01 -16.75 -14.66
N TYR B 115 -0.97 -16.10 -15.83
CA TYR B 115 -0.76 -16.84 -17.08
C TYR B 115 0.74 -16.89 -17.40
N ALA B 116 1.61 -16.17 -16.64
CA ALA B 116 3.05 -16.18 -16.93
C ALA B 116 3.56 -17.62 -16.92
N ALA B 117 4.44 -17.97 -17.88
CA ALA B 117 5.03 -19.33 -17.95
C ALA B 117 5.94 -19.60 -16.76
N ASP B 118 6.65 -18.56 -16.29
CA ASP B 118 7.58 -18.73 -15.19
C ASP B 118 7.36 -17.50 -14.30
N PRO B 119 6.31 -17.56 -13.46
CA PRO B 119 5.93 -16.36 -12.68
C PRO B 119 7.04 -15.81 -11.79
N HIS B 120 7.88 -16.70 -11.22
CA HIS B 120 8.99 -16.20 -10.41
C HIS B 120 9.96 -15.38 -11.28
N HIS B 121 10.25 -15.83 -12.52
CA HIS B 121 11.14 -15.08 -13.41
C HIS B 121 10.48 -13.76 -13.84
N THR B 122 9.16 -13.78 -14.05
CA THR B 122 8.47 -12.51 -14.39
C THR B 122 8.65 -11.53 -13.23
N LEU B 123 8.51 -11.97 -11.95
CA LEU B 123 8.71 -11.04 -10.85
C LEU B 123 10.12 -10.46 -10.81
N GLU B 124 11.13 -11.28 -11.13
CA GLU B 124 12.52 -10.82 -11.18
C GLU B 124 12.68 -9.78 -12.31
N GLU B 125 12.00 -10.00 -13.45
CA GLU B 125 12.01 -9.07 -14.58
C GLU B 125 11.36 -7.73 -14.21
N ILE B 126 10.28 -7.81 -13.43
CA ILE B 126 9.61 -6.58 -12.96
C ILE B 126 10.52 -5.81 -12.00
N ALA B 127 11.16 -6.52 -11.06
CA ALA B 127 12.08 -5.86 -10.14
C ALA B 127 13.25 -5.24 -10.94
N ARG B 128 13.66 -5.90 -12.03
CA ARG B 128 14.76 -5.39 -12.86
C ARG B 128 14.37 -4.07 -13.55
N ILE B 129 13.21 -4.05 -14.25
CA ILE B 129 12.84 -2.83 -15.00
C ILE B 129 12.42 -1.65 -14.11
N LEU B 130 11.89 -1.93 -12.92
CA LEU B 130 11.49 -0.86 -12.03
C LEU B 130 12.68 -0.10 -11.52
N LYS B 131 12.54 1.21 -11.43
CA LYS B 131 13.50 2.03 -10.72
C LYS B 131 13.42 1.67 -9.22
N PRO B 132 14.52 1.76 -8.45
CA PRO B 132 14.41 1.59 -6.97
C PRO B 132 13.34 2.54 -6.42
N GLY B 133 12.46 2.00 -5.57
CA GLY B 133 11.36 2.73 -5.00
C GLY B 133 10.09 2.67 -5.84
N GLY B 134 10.19 2.15 -7.06
CA GLY B 134 9.04 1.97 -7.94
C GLY B 134 8.15 0.83 -7.46
N THR B 135 6.88 0.80 -7.91
CA THR B 135 5.96 -0.21 -7.39
C THR B 135 5.43 -1.11 -8.46
N PHE B 136 5.07 -2.33 -8.01
CA PHE B 136 4.36 -3.29 -8.85
C PHE B 136 3.02 -3.50 -8.16
N TYR B 137 1.91 -3.23 -8.91
CA TYR B 137 0.55 -3.46 -8.45
C TYR B 137 0.05 -4.69 -9.21
N CYS B 138 -0.12 -5.82 -8.49
CA CYS B 138 -0.49 -7.09 -9.07
C CYS B 138 -1.89 -7.44 -8.60
N ALA B 139 -2.89 -7.36 -9.53
CA ALA B 139 -4.27 -7.62 -9.13
C ALA B 139 -4.73 -8.88 -9.86
N VAL B 140 -5.31 -9.83 -9.12
CA VAL B 140 -5.68 -11.10 -9.70
C VAL B 140 -6.99 -11.59 -9.13
N ASN B 141 -7.79 -12.29 -9.97
CA ASN B 141 -9.00 -12.94 -9.51
C ASN B 141 -8.85 -14.44 -9.39
N TYR B 142 -7.75 -15.01 -9.92
CA TYR B 142 -7.48 -16.44 -9.86
C TYR B 142 -6.41 -16.61 -8.78
N TYR B 143 -6.79 -17.16 -7.61
CA TYR B 143 -5.89 -17.33 -6.49
C TYR B 143 -6.49 -18.35 -5.55
N GLU B 144 -5.66 -18.92 -4.66
CA GLU B 144 -6.08 -20.07 -3.87
C GLU B 144 -7.34 -19.87 -3.06
N GLU B 145 -7.41 -18.77 -2.30
CA GLU B 145 -8.54 -18.53 -1.40
C GLU B 145 -9.86 -18.34 -2.17
N ASN B 146 -9.80 -17.91 -3.44
CA ASN B 146 -11.05 -17.70 -4.21
C ASN B 146 -11.43 -19.07 -4.78
N VAL B 147 -12.14 -19.86 -3.96
CA VAL B 147 -12.42 -21.25 -4.29
C VAL B 147 -13.17 -21.39 -5.63
N HIS B 148 -14.05 -20.42 -5.94
CA HIS B 148 -14.84 -20.36 -7.16
CA HIS B 148 -14.84 -20.45 -7.16
C HIS B 148 -13.99 -20.23 -8.42
N SER B 149 -12.71 -19.77 -8.27
CA SER B 149 -11.84 -19.59 -9.43
C SER B 149 -11.10 -20.84 -9.80
N HIS B 150 -11.06 -21.82 -8.90
CA HIS B 150 -10.23 -23.02 -9.15
C HIS B 150 -10.60 -23.70 -10.48
N GLU B 151 -11.90 -23.80 -10.76
CA GLU B 151 -12.40 -24.43 -11.99
C GLU B 151 -12.02 -23.69 -13.27
N TRP B 152 -11.50 -22.45 -13.18
CA TRP B 152 -11.16 -21.71 -14.39
C TRP B 152 -10.11 -22.41 -15.25
N GLN B 153 -9.23 -23.19 -14.63
CA GLN B 153 -8.19 -23.90 -15.36
C GLN B 153 -8.79 -24.91 -16.38
N GLU B 154 -10.01 -25.40 -16.11
CA GLU B 154 -10.73 -26.37 -16.99
C GLU B 154 -11.11 -25.82 -18.36
N HIS B 155 -11.22 -24.50 -18.50
CA HIS B 155 -11.57 -23.95 -19.81
C HIS B 155 -10.45 -23.11 -20.40
N ILE B 156 -9.24 -23.21 -19.83
CA ILE B 156 -8.09 -22.45 -20.28
C ILE B 156 -6.97 -23.41 -20.64
N SER B 157 -6.43 -23.29 -21.88
CA SER B 157 -5.37 -24.18 -22.39
C SER B 157 -3.97 -23.86 -21.89
N ILE B 158 -3.77 -22.66 -21.32
CA ILE B 158 -2.48 -22.24 -20.75
C ILE B 158 -2.44 -22.74 -19.29
N ASP B 159 -1.27 -23.21 -18.85
CA ASP B 159 -1.05 -23.66 -17.47
C ASP B 159 -0.97 -22.40 -16.61
N MET B 160 -1.95 -22.24 -15.73
CA MET B 160 -2.09 -21.10 -14.83
CA MET B 160 -2.00 -21.09 -14.85
C MET B 160 -1.39 -21.35 -13.47
N THR B 161 -0.91 -20.29 -12.81
CA THR B 161 -0.30 -20.39 -11.50
C THR B 161 -1.34 -19.97 -10.47
N ARG B 162 -1.62 -20.87 -9.53
CA ARG B 162 -2.65 -20.62 -8.52
C ARG B 162 -1.93 -20.49 -7.19
N TRP B 163 -1.76 -19.24 -6.74
CA TRP B 163 -1.07 -19.01 -5.48
C TRP B 163 -2.01 -18.48 -4.44
N SER B 164 -1.71 -18.76 -3.17
CA SER B 164 -2.47 -18.15 -2.07
C SER B 164 -1.99 -16.69 -1.82
N HIS B 165 -2.69 -15.96 -0.94
CA HIS B 165 -2.21 -14.62 -0.56
C HIS B 165 -0.76 -14.74 -0.05
N ALA B 166 -0.50 -15.74 0.85
CA ALA B 166 0.86 -15.91 1.40
C ALA B 166 1.88 -16.23 0.33
N GLU B 167 1.52 -17.08 -0.63
CA GLU B 167 2.46 -17.40 -1.71
C GLU B 167 2.83 -16.19 -2.56
N TYR B 168 1.86 -15.27 -2.79
CA TYR B 168 2.18 -14.04 -3.55
C TYR B 168 3.16 -13.20 -2.72
N ARG B 169 2.98 -13.11 -1.39
CA ARG B 169 3.92 -12.29 -0.59
C ARG B 169 5.32 -12.93 -0.62
N GLU B 170 5.36 -14.26 -0.45
CA GLU B 170 6.64 -14.96 -0.43
C GLU B 170 7.35 -14.82 -1.78
N ALA B 171 6.59 -14.96 -2.90
CA ALA B 171 7.22 -14.88 -4.22
C ALA B 171 7.75 -13.46 -4.46
N PHE B 172 7.00 -12.42 -4.02
CA PHE B 172 7.49 -11.05 -4.21
C PHE B 172 8.81 -10.88 -3.47
N ARG B 173 8.88 -11.36 -2.23
CA ARG B 173 10.12 -11.20 -1.45
C ARG B 173 11.25 -12.01 -2.10
N ASP B 174 10.92 -13.25 -2.60
CA ASP B 174 11.98 -14.05 -3.24
C ASP B 174 12.55 -13.37 -4.50
N ALA B 175 11.75 -12.49 -5.15
CA ALA B 175 12.20 -11.76 -6.35
C ALA B 175 12.89 -10.45 -6.00
N GLY B 176 12.94 -10.12 -4.71
CA GLY B 176 13.62 -8.91 -4.24
C GLY B 176 12.67 -7.75 -4.04
N LEU B 177 11.36 -7.95 -4.20
CA LEU B 177 10.43 -6.85 -3.97
C LEU B 177 10.01 -6.82 -2.50
N HIS B 178 9.90 -5.63 -1.92
CA HIS B 178 9.36 -5.53 -0.55
C HIS B 178 7.84 -5.49 -0.68
N VAL B 179 7.13 -6.24 0.17
CA VAL B 179 5.65 -6.22 0.10
C VAL B 179 5.16 -5.04 0.95
N ALA B 180 4.44 -4.13 0.30
CA ALA B 180 3.95 -2.93 1.01
C ALA B 180 2.51 -3.01 1.46
N GLU B 181 1.72 -3.85 0.78
CA GLU B 181 0.30 -3.92 1.04
C GLU B 181 -0.22 -5.18 0.39
N GLN B 182 -1.23 -5.76 1.00
CA GLN B 182 -1.92 -6.87 0.34
C GLN B 182 -3.37 -6.82 0.80
N ASP B 183 -4.30 -6.88 -0.15
CA ASP B 183 -5.69 -6.70 0.24
C ASP B 183 -6.64 -7.42 -0.70
N SER B 184 -7.91 -7.51 -0.25
CA SER B 184 -9.02 -7.99 -1.07
C SER B 184 -9.87 -6.75 -1.44
N ILE B 185 -10.19 -6.59 -2.70
CA ILE B 185 -11.03 -5.48 -3.17
C ILE B 185 -12.34 -6.09 -3.65
N ALA B 186 -13.43 -5.75 -2.93
CA ALA B 186 -14.72 -6.32 -3.29
C ALA B 186 -15.24 -5.74 -4.59
N ASP B 187 -16.04 -6.57 -5.32
CA ASP B 187 -16.75 -6.12 -6.51
C ASP B 187 -18.17 -5.88 -6.00
N LEU B 188 -18.51 -4.59 -5.86
CA LEU B 188 -19.83 -4.18 -5.34
C LEU B 188 -20.79 -3.87 -6.47
N ASP B 189 -20.29 -3.81 -7.70
CA ASP B 189 -21.10 -3.41 -8.84
C ASP B 189 -21.86 -4.52 -9.48
N ILE B 190 -21.28 -5.72 -9.50
CA ILE B 190 -21.98 -6.83 -10.15
C ILE B 190 -23.30 -7.12 -9.44
N ASP B 191 -24.38 -7.26 -10.23
CA ASP B 191 -25.71 -7.51 -9.66
C ASP B 191 -25.78 -8.96 -9.17
N ILE B 192 -26.33 -9.13 -7.98
CA ILE B 192 -26.54 -10.46 -7.41
C ILE B 192 -28.05 -10.65 -7.31
N PRO B 193 -28.64 -11.53 -8.16
CA PRO B 193 -30.11 -11.72 -8.11
C PRO B 193 -30.60 -12.26 -6.77
N ALA B 194 -31.94 -12.24 -6.62
CA ALA B 194 -32.58 -12.81 -5.45
C ALA B 194 -32.31 -14.32 -5.41
N ALA B 195 -32.33 -14.93 -4.22
CA ALA B 195 -32.06 -16.36 -4.01
C ALA B 195 -32.96 -17.26 -4.90
N THR B 196 -34.16 -16.76 -5.29
CA THR B 196 -35.12 -17.49 -6.16
C THR B 196 -34.59 -17.75 -7.60
N GLU B 197 -33.67 -16.87 -8.08
CA GLU B 197 -33.12 -16.89 -9.42
C GLU B 197 -31.99 -17.89 -9.66
N PHE B 198 -31.57 -18.58 -8.60
CA PHE B 198 -30.48 -19.54 -8.61
C PHE B 198 -31.02 -20.96 -8.80
N PRO B 199 -30.27 -21.83 -9.50
CA PRO B 199 -28.91 -21.61 -10.05
C PRO B 199 -28.90 -20.81 -11.33
N THR B 200 -27.79 -20.08 -11.56
CA THR B 200 -27.59 -19.35 -12.79
C THR B 200 -26.56 -20.21 -13.54
N ASP B 201 -26.09 -19.74 -14.69
CA ASP B 201 -25.07 -20.47 -15.44
C ASP B 201 -23.77 -20.63 -14.62
N ASP B 202 -23.39 -19.61 -13.85
CA ASP B 202 -22.15 -19.67 -13.09
C ASP B 202 -22.28 -20.12 -11.61
N TRP B 203 -23.45 -19.89 -10.98
CA TRP B 203 -23.58 -20.07 -9.54
C TRP B 203 -24.67 -20.98 -9.13
N GLU B 204 -24.37 -21.91 -8.23
CA GLU B 204 -25.38 -22.83 -7.74
C GLU B 204 -26.22 -22.21 -6.64
N THR B 205 -25.63 -21.29 -5.83
CA THR B 205 -26.34 -20.64 -4.73
C THR B 205 -25.95 -19.16 -4.71
N ARG B 206 -26.87 -18.35 -4.19
CA ARG B 206 -26.59 -16.92 -4.02
C ARG B 206 -25.41 -16.75 -3.06
N GLU B 207 -25.33 -17.56 -1.98
CA GLU B 207 -24.26 -17.46 -0.99
C GLU B 207 -22.89 -17.53 -1.65
N ALA B 208 -22.75 -18.42 -2.66
CA ALA B 208 -21.46 -18.57 -3.34
C ALA B 208 -21.12 -17.33 -4.16
N MET B 209 -22.12 -16.75 -4.82
CA MET B 209 -21.89 -15.55 -5.62
C MET B 209 -21.50 -14.39 -4.70
N VAL B 210 -22.20 -14.24 -3.56
CA VAL B 210 -21.90 -13.15 -2.64
C VAL B 210 -20.46 -13.35 -2.14
N GLU B 211 -20.08 -14.57 -1.76
CA GLU B 211 -18.74 -14.86 -1.26
C GLU B 211 -17.69 -14.50 -2.33
N ARG B 212 -17.93 -14.89 -3.58
CA ARG B 212 -16.99 -14.61 -4.67
C ARG B 212 -16.73 -13.11 -4.80
N TYR B 213 -17.81 -12.32 -4.88
CA TYR B 213 -17.66 -10.91 -5.22
C TYR B 213 -17.58 -9.96 -4.05
N ARG B 214 -18.44 -10.13 -3.03
CA ARG B 214 -18.46 -9.18 -1.92
C ARG B 214 -17.43 -9.52 -0.87
N THR B 215 -17.04 -10.81 -0.73
CA THR B 215 -16.12 -11.23 0.33
C THR B 215 -14.70 -11.39 -0.19
N PHE B 216 -14.48 -12.28 -1.15
CA PHE B 216 -13.13 -12.54 -1.68
C PHE B 216 -12.69 -11.41 -2.62
N GLY B 217 -13.48 -11.14 -3.64
CA GLY B 217 -13.13 -10.09 -4.60
C GLY B 217 -11.79 -10.34 -5.28
N THR B 218 -11.12 -9.25 -5.65
CA THR B 218 -9.83 -9.26 -6.35
C THR B 218 -8.71 -9.17 -5.33
N LEU B 219 -7.70 -10.04 -5.48
CA LEU B 219 -6.54 -9.94 -4.59
C LEU B 219 -5.58 -8.91 -5.19
N LEU B 220 -5.09 -7.96 -4.36
CA LEU B 220 -4.09 -7.02 -4.78
C LEU B 220 -2.87 -7.18 -3.91
N THR B 221 -1.68 -7.34 -4.56
CA THR B 221 -0.43 -7.36 -3.78
C THR B 221 0.44 -6.26 -4.36
N VAL B 222 1.04 -5.43 -3.49
CA VAL B 222 1.87 -4.30 -3.92
C VAL B 222 3.32 -4.54 -3.49
N GLY B 223 4.23 -4.51 -4.44
CA GLY B 223 5.66 -4.68 -4.18
C GLY B 223 6.45 -3.43 -4.53
N VAL B 224 7.55 -3.19 -3.79
CA VAL B 224 8.39 -2.03 -4.03
C VAL B 224 9.79 -2.53 -4.39
N ALA B 225 10.34 -2.00 -5.49
CA ALA B 225 11.67 -2.44 -5.97
C ALA B 225 12.71 -1.78 -5.08
N PRO B 226 13.69 -2.54 -4.60
CA PRO B 226 14.68 -1.95 -3.70
C PRO B 226 15.89 -1.41 -4.45
N HIS B 227 16.71 -0.64 -3.72
CA HIS B 227 18.02 -0.22 -4.19
C HIS B 227 18.88 -1.45 -3.92
N HIS B 228 20.05 -1.54 -4.57
CA HIS B 228 21.10 -2.53 -4.30
C HIS B 228 21.35 -2.60 -2.78
N HIS B 229 21.39 -3.81 -2.22
CA HIS B 229 21.69 -4.00 -0.79
C HIS B 229 22.44 -5.30 -0.52
N HIS B 230 23.14 -5.35 0.61
CA HIS B 230 23.96 -6.48 1.02
C HIS B 230 23.20 -7.80 1.09
N HIS B 231 23.78 -8.86 0.52
CA HIS B 231 23.21 -10.22 0.54
C HIS B 231 24.22 -11.21 1.11
N MET C 1 6.20 -3.69 31.57
CA MET C 1 6.65 -4.06 30.22
C MET C 1 7.57 -5.27 30.36
N LYS C 2 7.47 -6.22 29.41
CA LYS C 2 8.37 -7.39 29.42
C LYS C 2 9.80 -6.98 29.23
N GLU C 3 10.72 -7.53 30.04
CA GLU C 3 12.15 -7.24 29.89
C GLU C 3 12.65 -7.66 28.50
N SER C 4 12.09 -8.76 27.96
CA SER C 4 12.44 -9.21 26.59
C SER C 4 12.08 -8.18 25.49
N LEU C 5 11.13 -7.26 25.74
CA LEU C 5 10.76 -6.23 24.75
C LEU C 5 11.68 -5.03 24.84
N MET C 6 12.46 -4.92 25.93
CA MET C 6 13.33 -3.75 26.12
C MET C 6 14.61 -3.77 25.34
N ASP C 7 14.89 -4.90 24.65
CA ASP C 7 16.11 -5.05 23.89
C ASP C 7 16.26 -4.02 22.78
N ILE C 8 15.13 -3.46 22.28
CA ILE C 8 15.22 -2.48 21.21
C ILE C 8 14.99 -1.06 21.68
N LEU C 9 14.84 -0.84 22.99
CA LEU C 9 14.68 0.51 23.49
C LEU C 9 16.02 1.20 23.60
N CYS C 10 16.02 2.52 23.45
CA CYS C 10 17.22 3.30 23.61
C CYS C 10 16.88 4.65 24.17
N ASP C 11 17.92 5.38 24.65
CA ASP C 11 17.69 6.69 25.18
C ASP C 11 17.13 7.59 24.07
N PRO C 12 15.96 8.22 24.24
CA PRO C 12 15.42 9.06 23.15
C PRO C 12 16.29 10.25 22.82
N LEU C 13 17.16 10.69 23.76
CA LEU C 13 17.96 11.90 23.48
C LEU C 13 19.03 11.67 22.45
N ASP C 14 19.78 10.57 22.56
CA ASP C 14 20.93 10.33 21.69
C ASP C 14 21.01 8.90 21.14
N LYS C 15 19.97 8.10 21.41
CA LYS C 15 19.86 6.74 20.90
C LYS C 15 20.89 5.78 21.46
N SER C 16 21.45 6.12 22.63
CA SER C 16 22.42 5.27 23.29
C SER C 16 21.71 4.20 24.14
N GLU C 17 22.50 3.24 24.61
CA GLU C 17 22.02 2.14 25.41
C GLU C 17 21.47 2.61 26.75
N LEU C 18 20.42 1.90 27.24
CA LEU C 18 19.85 2.13 28.57
C LEU C 18 20.24 0.97 29.45
N GLU C 19 20.46 1.26 30.72
CA GLU C 19 20.72 0.26 31.76
C GLU C 19 19.38 0.09 32.48
N LEU C 20 18.96 -1.17 32.67
CA LEU C 20 17.75 -1.45 33.42
C LEU C 20 18.06 -1.74 34.88
N GLU C 21 17.32 -1.07 35.77
CA GLU C 21 17.31 -1.34 37.22
C GLU C 21 15.89 -1.81 37.54
N VAL C 22 15.76 -2.95 38.24
CA VAL C 22 14.45 -3.51 38.57
C VAL C 22 14.17 -3.42 40.06
N ASP C 23 13.00 -2.88 40.41
CA ASP C 23 12.57 -2.85 41.79
C ASP C 23 11.47 -3.84 42.04
N GLU C 24 10.65 -4.17 41.04
CA GLU C 24 9.57 -5.13 41.18
C GLU C 24 9.31 -5.79 39.85
N ARG C 25 9.17 -7.12 39.84
CA ARG C 25 8.93 -7.84 38.61
C ARG C 25 8.02 -9.03 38.84
N ASP C 26 7.47 -9.55 37.74
CA ASP C 26 6.64 -10.76 37.79
C ASP C 26 7.06 -11.55 36.58
N GLY C 27 8.10 -12.39 36.74
CA GLY C 27 8.64 -13.13 35.62
C GLY C 27 9.28 -12.15 34.66
N ASP C 28 8.92 -12.20 33.38
CA ASP C 28 9.47 -11.28 32.39
C ASP C 28 8.95 -9.87 32.57
N GLU C 29 7.79 -9.73 33.22
CA GLU C 29 7.17 -8.42 33.39
C GLU C 29 7.91 -7.52 34.39
N ILE C 30 8.43 -6.37 33.95
CA ILE C 30 9.04 -5.38 34.83
C ILE C 30 7.93 -4.42 35.24
N ILE C 31 7.66 -4.31 36.55
CA ILE C 31 6.55 -3.50 37.05
C ILE C 31 7.06 -2.18 37.59
N GLU C 32 8.17 -2.20 38.37
CA GLU C 32 8.75 -0.98 38.90
C GLU C 32 10.24 -1.02 38.64
N GLY C 33 10.81 0.13 38.29
CA GLY C 33 12.22 0.18 38.00
C GLY C 33 12.52 1.43 37.20
N ARG C 34 13.65 1.40 36.51
CA ARG C 34 14.01 2.55 35.70
C ARG C 34 14.99 2.13 34.63
N LEU C 35 15.04 2.92 33.56
CA LEU C 35 15.95 2.76 32.45
C LEU C 35 16.87 3.97 32.51
N ILE C 36 18.17 3.75 32.62
CA ILE C 36 19.11 4.85 32.79
C ILE C 36 20.02 5.00 31.59
N GLY C 37 20.06 6.22 31.05
CA GLY C 37 20.92 6.50 29.92
C GLY C 37 22.39 6.30 30.27
N THR C 38 23.07 5.37 29.58
CA THR C 38 24.50 5.06 29.84
C THR C 38 25.43 6.22 29.45
N VAL C 39 24.93 7.18 28.65
CA VAL C 39 25.73 8.33 28.22
C VAL C 39 25.20 9.60 28.83
N THR C 40 23.88 9.81 28.77
CA THR C 40 23.29 11.06 29.27
C THR C 40 23.08 11.08 30.78
N GLY C 41 22.97 9.91 31.38
CA GLY C 41 22.66 9.70 32.79
C GLY C 41 21.18 9.97 33.10
N GLU C 42 20.36 10.21 32.05
CA GLU C 42 18.94 10.51 32.29
C GLU C 42 18.21 9.24 32.79
N VAL C 43 17.30 9.44 33.74
CA VAL C 43 16.56 8.35 34.38
C VAL C 43 15.14 8.36 33.83
N TYR C 44 14.72 7.25 33.21
CA TYR C 44 13.39 7.07 32.61
C TYR C 44 12.67 6.06 33.50
N PRO C 45 11.68 6.50 34.30
CA PRO C 45 11.08 5.55 35.25
C PRO C 45 10.13 4.56 34.59
N ILE C 46 10.02 3.37 35.18
CA ILE C 46 9.04 2.37 34.76
C ILE C 46 8.06 2.33 35.92
N GLU C 47 6.81 2.72 35.65
CA GLU C 47 5.81 2.92 36.67
C GLU C 47 4.65 2.06 36.37
N ASP C 48 4.38 1.09 37.25
CA ASP C 48 3.30 0.11 37.04
C ASP C 48 3.39 -0.50 35.61
N GLY C 49 4.62 -0.83 35.22
CA GLY C 49 4.88 -1.50 33.96
C GLY C 49 5.03 -0.59 32.74
N ILE C 50 4.81 0.72 32.91
CA ILE C 50 4.89 1.64 31.79
C ILE C 50 6.14 2.51 31.89
N PRO C 51 7.09 2.36 30.95
CA PRO C 51 8.24 3.24 30.94
C PRO C 51 7.82 4.63 30.47
N ASN C 52 8.35 5.68 31.13
CA ASN C 52 8.12 7.04 30.68
C ASN C 52 9.42 7.47 30.02
N LEU C 53 9.44 7.37 28.67
CA LEU C 53 10.60 7.66 27.85
C LEU C 53 10.48 9.01 27.15
N LEU C 54 9.71 9.94 27.77
CA LEU C 54 9.70 11.30 27.27
C LEU C 54 11.06 11.90 27.57
N PRO C 55 11.54 12.82 26.73
CA PRO C 55 12.77 13.57 27.05
C PRO C 55 12.60 14.28 28.39
N PRO C 56 13.68 14.40 29.18
CA PRO C 56 13.55 15.02 30.52
C PRO C 56 12.87 16.40 30.57
N ASP C 57 13.05 17.24 29.52
CA ASP C 57 12.42 18.57 29.45
C ASP C 57 10.87 18.53 29.44
N MET C 58 10.27 17.37 29.07
CA MET C 58 8.82 17.15 29.02
C MET C 58 8.23 16.43 30.25
N ARG C 59 9.06 16.19 31.27
CA ARG C 59 8.64 15.52 32.52
C ARG C 59 8.84 16.42 33.72
N MET D 1 3.92 4.04 -32.53
CA MET D 1 4.60 4.39 -31.29
C MET D 1 5.47 5.63 -31.49
N LYS D 2 5.39 6.56 -30.53
CA LYS D 2 6.15 7.79 -30.48
C LYS D 2 7.63 7.38 -30.40
N GLU D 3 8.46 7.98 -31.28
CA GLU D 3 9.88 7.66 -31.31
C GLU D 3 10.55 7.86 -29.95
N SER D 4 10.16 8.95 -29.21
CA SER D 4 10.76 9.26 -27.92
C SER D 4 10.50 8.17 -26.86
N LEU D 5 9.39 7.42 -27.00
CA LEU D 5 9.05 6.34 -26.08
C LEU D 5 9.97 5.17 -26.27
N MET D 6 10.64 5.09 -27.43
CA MET D 6 11.51 3.94 -27.68
C MET D 6 12.85 3.98 -26.94
N ASP D 7 13.15 5.08 -26.24
CA ASP D 7 14.41 5.27 -25.55
C ASP D 7 14.72 4.21 -24.48
N ILE D 8 13.67 3.65 -23.84
CA ILE D 8 13.88 2.63 -22.78
C ILE D 8 13.64 1.19 -23.26
N LEU D 9 13.35 1.01 -24.56
CA LEU D 9 13.13 -0.35 -25.10
C LEU D 9 14.47 -1.01 -25.31
N CYS D 10 14.49 -2.33 -25.19
CA CYS D 10 15.72 -3.11 -25.44
C CYS D 10 15.38 -4.42 -26.07
N ASP D 11 16.42 -5.11 -26.58
CA ASP D 11 16.18 -6.40 -27.21
C ASP D 11 15.61 -7.38 -26.15
N PRO D 12 14.45 -8.03 -26.37
CA PRO D 12 13.92 -8.97 -25.35
C PRO D 12 14.86 -10.14 -25.03
N LEU D 13 15.72 -10.53 -26.00
CA LEU D 13 16.65 -11.66 -25.82
C LEU D 13 17.77 -11.44 -24.82
N ASP D 14 18.51 -10.32 -24.94
CA ASP D 14 19.69 -10.08 -24.12
C ASP D 14 19.71 -8.70 -23.45
N LYS D 15 18.63 -7.92 -23.63
CA LYS D 15 18.46 -6.59 -23.01
C LYS D 15 19.49 -5.55 -23.51
N SER D 16 19.99 -5.75 -24.74
CA SER D 16 20.90 -4.81 -25.36
C SER D 16 20.12 -3.74 -26.15
N GLU D 17 20.82 -2.65 -26.51
CA GLU D 17 20.27 -1.53 -27.28
C GLU D 17 19.71 -1.95 -28.65
N LEU D 18 18.65 -1.26 -29.11
CA LEU D 18 18.02 -1.45 -30.41
C LEU D 18 18.32 -0.23 -31.32
N GLU D 19 18.35 -0.47 -32.64
CA GLU D 19 18.53 0.55 -33.67
C GLU D 19 17.18 0.71 -34.38
N LEU D 20 16.70 1.94 -34.55
CA LEU D 20 15.43 2.20 -35.22
C LEU D 20 15.60 2.51 -36.72
N GLU D 21 14.75 1.85 -37.55
CA GLU D 21 14.62 2.07 -39.00
C GLU D 21 13.17 2.47 -39.24
N VAL D 22 12.95 3.62 -39.93
CA VAL D 22 11.62 4.19 -40.15
C VAL D 22 11.20 4.10 -41.63
N ASP D 23 9.96 3.63 -41.88
CA ASP D 23 9.36 3.50 -43.22
C ASP D 23 8.17 4.45 -43.39
N GLU D 24 7.37 4.66 -42.34
CA GLU D 24 6.19 5.55 -42.34
C GLU D 24 6.06 6.20 -40.95
N ARG D 25 6.08 7.55 -40.91
CA ARG D 25 6.02 8.38 -39.72
C ARG D 25 5.10 9.60 -39.98
N GLU D 29 5.75 10.10 -34.53
CA GLU D 29 4.92 8.91 -34.34
C GLU D 29 5.22 7.89 -35.42
N ILE D 30 5.98 6.84 -35.07
CA ILE D 30 6.38 5.78 -36.01
C ILE D 30 5.20 4.83 -36.24
N ILE D 31 4.81 4.66 -37.52
CA ILE D 31 3.69 3.81 -37.94
C ILE D 31 4.22 2.46 -38.48
N GLU D 32 5.22 2.53 -39.37
CA GLU D 32 5.84 1.37 -39.99
C GLU D 32 7.34 1.47 -39.91
N GLY D 33 8.00 0.35 -39.66
CA GLY D 33 9.46 0.28 -39.59
C GLY D 33 9.94 -0.94 -38.83
N ARG D 34 11.17 -0.87 -38.28
CA ARG D 34 11.74 -1.95 -37.49
C ARG D 34 12.72 -1.47 -36.43
N LEU D 35 12.85 -2.28 -35.36
CA LEU D 35 13.82 -2.10 -34.29
C LEU D 35 14.75 -3.28 -34.41
N ILE D 36 16.03 -3.03 -34.64
CA ILE D 36 17.03 -4.08 -34.84
C ILE D 36 17.97 -4.20 -33.66
N GLY D 37 18.19 -5.43 -33.20
CA GLY D 37 19.10 -5.71 -32.11
C GLY D 37 20.53 -5.41 -32.49
N THR D 38 21.23 -4.55 -31.71
CA THR D 38 22.62 -4.16 -32.01
C THR D 38 23.63 -5.29 -31.76
N VAL D 39 23.27 -6.29 -30.94
CA VAL D 39 24.16 -7.41 -30.63
C VAL D 39 23.73 -8.70 -31.34
N THR D 40 22.41 -9.01 -31.29
CA THR D 40 21.81 -10.22 -31.85
C THR D 40 21.49 -10.17 -33.34
N GLY D 41 21.23 -8.97 -33.87
CA GLY D 41 20.82 -8.79 -35.26
C GLY D 41 19.35 -9.06 -35.49
N GLU D 42 18.60 -9.43 -34.42
CA GLU D 42 17.16 -9.69 -34.53
C GLU D 42 16.40 -8.49 -34.98
N VAL D 43 15.39 -8.70 -35.81
CA VAL D 43 14.57 -7.64 -36.39
C VAL D 43 13.16 -7.69 -35.80
N TYR D 44 12.81 -6.65 -35.05
CA TYR D 44 11.49 -6.52 -34.44
C TYR D 44 10.70 -5.54 -35.25
N PRO D 45 9.66 -5.99 -35.98
CA PRO D 45 8.88 -5.06 -36.81
C PRO D 45 7.91 -4.17 -36.05
N ILE D 46 7.69 -2.96 -36.56
CA ILE D 46 6.70 -1.98 -36.11
C ILE D 46 5.66 -1.96 -37.23
N GLU D 47 4.41 -2.34 -36.94
CA GLU D 47 3.33 -2.38 -37.93
C GLU D 47 2.13 -1.69 -37.33
N ASP D 48 1.58 -0.67 -38.04
CA ASP D 48 0.43 0.14 -37.61
C ASP D 48 0.70 0.81 -36.23
N GLY D 49 1.96 1.20 -36.03
CA GLY D 49 2.47 1.86 -34.85
C GLY D 49 2.81 0.94 -33.71
N ILE D 50 2.68 -0.37 -33.92
CA ILE D 50 2.89 -1.34 -32.84
C ILE D 50 4.14 -2.17 -33.04
N PRO D 51 5.18 -1.99 -32.18
CA PRO D 51 6.35 -2.86 -32.28
C PRO D 51 6.03 -4.26 -31.77
N ASN D 52 6.56 -5.27 -32.46
CA ASN D 52 6.38 -6.64 -32.02
C ASN D 52 7.71 -7.06 -31.39
N LEU D 53 7.79 -7.01 -30.03
CA LEU D 53 9.00 -7.32 -29.29
C LEU D 53 8.99 -8.67 -28.54
N LEU D 54 8.31 -9.64 -29.14
CA LEU D 54 8.31 -11.01 -28.63
C LEU D 54 9.69 -11.58 -28.90
N PRO D 55 10.22 -12.47 -28.03
CA PRO D 55 11.46 -13.18 -28.41
C PRO D 55 11.19 -13.93 -29.73
N PRO D 56 12.21 -14.01 -30.64
CA PRO D 56 11.97 -14.59 -32.00
C PRO D 56 11.06 -15.83 -32.12
N ASP D 57 11.31 -16.86 -31.29
CA ASP D 57 10.59 -18.14 -31.30
C ASP D 57 9.10 -18.07 -30.91
N MET D 58 8.56 -16.86 -30.59
CA MET D 58 7.16 -16.71 -30.18
C MET D 58 6.29 -16.07 -31.25
N SAH E . -4.49 6.61 17.21
CA SAH E . -5.61 6.81 18.18
CB SAH E . -5.53 8.24 18.90
CG SAH E . -5.53 9.42 17.93
SD SAH E . -5.54 10.99 18.87
C SAH E . -6.96 6.72 17.47
O SAH E . -6.88 6.40 16.22
OXT SAH E . -7.99 6.94 18.05
C5' SAH E . -3.80 11.49 18.80
C4' SAH E . -2.95 10.76 19.82
O4' SAH E . -1.57 11.13 19.58
C3' SAH E . -3.26 11.11 21.28
O3' SAH E . -3.37 9.95 22.10
C2' SAH E . -2.09 12.02 21.68
O2' SAH E . -1.73 11.97 23.05
C1' SAH E . -0.96 11.50 20.79
N9 SAH E . 0.07 12.50 20.50
C8 SAH E . -0.11 13.71 19.89
N7 SAH E . 1.00 14.38 19.70
C5 SAH E . 1.99 13.54 20.21
C6 SAH E . 3.39 13.66 20.31
N6 SAH E . 4.09 14.74 19.90
N1 SAH E . 4.07 12.62 20.85
C2 SAH E . 3.39 11.56 21.27
N3 SAH E . 2.08 11.34 21.25
C4 SAH E . 1.42 12.37 20.70
C1 GOL F . 9.80 5.05 -9.26
O1 GOL F . 8.63 5.42 -8.56
C2 GOL F . 10.78 6.20 -9.36
O2 GOL F . 10.08 7.40 -9.67
C3 GOL F . 11.65 6.39 -8.13
O3 GOL F . 11.01 5.93 -6.95
N SAH G . -5.58 -6.40 -17.98
CA SAH G . -6.75 -6.59 -18.86
CB SAH G . -6.74 -7.95 -19.67
CG SAH G . -6.81 -9.18 -18.76
SD SAH G . -6.82 -10.71 -19.77
C SAH G . -8.09 -6.49 -18.07
O SAH G . -7.96 -6.22 -16.80
OXT SAH G . -9.16 -6.64 -18.61
C5' SAH G . -5.08 -11.20 -19.80
C4' SAH G . -4.24 -10.42 -20.79
O4' SAH G . -2.85 -10.84 -20.62
C3' SAH G . -4.63 -10.77 -22.24
O3' SAH G . -4.82 -9.61 -23.04
C2' SAH G . -3.51 -11.71 -22.69
O2' SAH G . -3.23 -11.71 -24.08
C1' SAH G . -2.32 -11.22 -21.87
N9 SAH G . -1.30 -12.24 -21.61
C8 SAH G . -1.48 -13.47 -21.02
N7 SAH G . -0.37 -14.15 -20.88
C5 SAH G . 0.62 -13.33 -21.40
C6 SAH G . 2.01 -13.47 -21.54
N6 SAH G . 2.69 -14.57 -21.18
N1 SAH G . 2.70 -12.45 -22.10
C2 SAH G . 2.02 -11.36 -22.53
N3 SAH G . 0.71 -11.12 -22.44
C4 SAH G . 0.06 -12.14 -21.86
C1 GOL H . 18.17 -4.43 28.05
O1 GOL H . 17.12 -5.28 27.59
C2 GOL H . 17.63 -3.06 28.37
O2 GOL H . 18.48 -2.42 29.32
C3 GOL H . 17.56 -2.21 27.13
O3 GOL H . 16.81 -1.03 27.36
#